data_3B8Q
#
_entry.id   3B8Q
#
_cell.length_a   55.116
_cell.length_b   67.782
_cell.length_c   88.089
_cell.angle_alpha   90.00
_cell.angle_beta   92.137
_cell.angle_gamma   90.00
#
_symmetry.space_group_name_H-M   'P 1 21 1'
#
loop_
_entity.id
_entity.type
_entity.pdbx_description
1 polymer 'Vascular endothelial growth factor receptor 2'
2 non-polymer N-(4-chlorophenyl)-6-[(6,7-dimethoxyquinolin-4-yl)oxy]naphthalene-1-carboxamide
3 water water
#
_entity_poly.entity_id   1
_entity_poly.type   'polypeptide(L)'
_entity_poly.pdbx_seq_one_letter_code
;EHAERLPYDASKWEFPRDRLKLGKPLGRGAFGQVIEADAFGIDKTATCRTVAVKMLKEGATHSEHRALMSELKILIHIGH
HLNVVNLLGACTKPGGPLMVITEFCKFGNLSTYLRSKRNEFVPYKVAPEDLYKDFLTLEHLICYSFQVAKGMEFLASRKC
IHRDLAARNILLSEKNVVKICDFGLARDI(PTR)KDPD(PTR)VRKGDARLPLKWMAPETIFDRVYTIQSDVWSFGVLLW
EIFSLGASPYPGVKIDEEFCRRLKEGTRMRAPDYTTPEMYQTMLDCWHGEPSQRPTFSELVEHLGNLLQANAQQDRHHHH
HH
;
_entity_poly.pdbx_strand_id   A,B
#
# COMPACT_ATOMS: atom_id res chain seq x y z
N GLU A 4 -2.68 -1.22 -31.51
CA GLU A 4 -3.94 -1.93 -31.91
C GLU A 4 -3.63 -2.89 -33.05
N ARG A 5 -3.14 -2.35 -34.15
CA ARG A 5 -2.78 -3.16 -35.30
C ARG A 5 -1.64 -4.10 -34.90
N LEU A 6 -0.96 -3.73 -33.82
CA LEU A 6 0.16 -4.49 -33.29
C LEU A 6 -0.37 -5.86 -32.83
N PRO A 7 0.42 -6.92 -33.05
CA PRO A 7 0.05 -8.29 -32.67
C PRO A 7 0.42 -8.66 -31.22
N TYR A 8 -0.02 -9.84 -30.79
CA TYR A 8 0.26 -10.32 -29.45
C TYR A 8 0.71 -11.78 -29.49
N ASP A 9 2.01 -11.98 -29.27
CA ASP A 9 2.61 -13.30 -29.31
C ASP A 9 2.40 -14.02 -27.97
N ALA A 10 1.20 -14.55 -27.76
CA ALA A 10 0.92 -15.26 -26.51
C ALA A 10 1.92 -16.36 -26.20
N SER A 11 2.51 -16.99 -27.20
CA SER A 11 3.48 -18.06 -26.91
C SER A 11 4.59 -17.47 -26.05
N LYS A 12 5.07 -16.28 -26.43
CA LYS A 12 6.16 -15.63 -25.71
C LYS A 12 5.79 -14.81 -24.48
N TRP A 13 4.59 -14.25 -24.44
CA TRP A 13 4.23 -13.39 -23.32
C TRP A 13 3.22 -13.88 -22.28
N GLU A 14 2.26 -14.70 -22.68
CA GLU A 14 1.22 -15.18 -21.77
C GLU A 14 1.73 -15.87 -20.51
N PHE A 15 1.21 -15.47 -19.35
CA PHE A 15 1.58 -16.02 -18.06
C PHE A 15 0.32 -16.57 -17.39
N PRO A 16 0.43 -17.72 -16.73
CA PRO A 16 -0.72 -18.35 -16.05
C PRO A 16 -1.20 -17.58 -14.83
N ARG A 17 -2.48 -17.23 -14.81
CA ARG A 17 -3.05 -16.48 -13.70
C ARG A 17 -2.81 -17.09 -12.32
N ASP A 18 -3.00 -18.40 -12.20
CA ASP A 18 -2.81 -19.07 -10.91
C ASP A 18 -1.36 -19.14 -10.50
N ARG A 19 -0.47 -18.49 -11.27
CA ARG A 19 0.95 -18.47 -10.95
C ARG A 19 1.26 -17.10 -10.35
N LEU A 20 0.21 -16.37 -9.99
CA LEU A 20 0.34 -15.04 -9.40
C LEU A 20 -0.44 -14.96 -8.10
N LYS A 21 0.18 -14.38 -7.08
CA LYS A 21 -0.45 -14.16 -5.80
C LYS A 21 -0.54 -12.65 -5.66
N LEU A 22 -1.71 -12.09 -5.99
CA LEU A 22 -1.94 -10.64 -5.94
C LEU A 22 -1.84 -10.15 -4.50
N GLY A 23 -1.01 -9.13 -4.30
CA GLY A 23 -0.82 -8.60 -2.98
C GLY A 23 -1.55 -7.30 -2.72
N LYS A 24 -0.89 -6.41 -1.99
CA LYS A 24 -1.45 -5.12 -1.65
C LYS A 24 -1.47 -4.23 -2.87
N PRO A 25 -2.50 -3.38 -2.97
CA PRO A 25 -2.64 -2.45 -4.09
C PRO A 25 -1.53 -1.44 -3.95
N LEU A 26 -0.97 -1.00 -5.07
CA LEU A 26 0.09 -0.01 -5.01
C LEU A 26 -0.52 1.34 -5.32
N GLY A 27 -1.38 1.39 -6.34
CA GLY A 27 -2.02 2.63 -6.71
C GLY A 27 -3.27 2.37 -7.53
N ARG A 28 -4.32 3.13 -7.26
CA ARG A 28 -5.59 2.96 -7.98
C ARG A 28 -6.00 4.19 -8.79
N GLY A 29 -6.00 4.03 -10.11
CA GLY A 29 -6.37 5.11 -11.00
C GLY A 29 -7.84 5.18 -11.36
N ALA A 30 -8.14 5.87 -12.46
CA ALA A 30 -9.51 6.03 -12.92
C ALA A 30 -9.93 4.98 -13.96
N PHE A 31 -8.96 4.21 -14.46
CA PHE A 31 -9.27 3.19 -15.45
C PHE A 31 -8.92 1.81 -14.94
N GLY A 32 -7.97 1.76 -14.01
CA GLY A 32 -7.55 0.49 -13.45
C GLY A 32 -6.81 0.66 -12.15
N GLN A 33 -5.86 -0.23 -11.89
CA GLN A 33 -5.10 -0.15 -10.66
C GLN A 33 -3.85 -1.00 -10.80
N VAL A 34 -2.80 -0.62 -10.09
CA VAL A 34 -1.58 -1.39 -10.13
C VAL A 34 -1.53 -2.14 -8.80
N ILE A 35 -1.15 -3.41 -8.84
CA ILE A 35 -1.08 -4.23 -7.64
C ILE A 35 0.25 -4.95 -7.55
N GLU A 36 0.83 -4.98 -6.35
CA GLU A 36 2.09 -5.68 -6.12
C GLU A 36 1.72 -7.16 -6.09
N ALA A 37 2.63 -8.04 -6.48
CA ALA A 37 2.32 -9.45 -6.49
C ALA A 37 3.53 -10.35 -6.59
N ASP A 38 3.32 -11.64 -6.35
CA ASP A 38 4.39 -12.62 -6.45
C ASP A 38 4.05 -13.46 -7.66
N ALA A 39 5.03 -13.69 -8.52
CA ALA A 39 4.83 -14.48 -9.72
C ALA A 39 5.76 -15.67 -9.63
N PHE A 40 5.27 -16.85 -9.97
CA PHE A 40 6.12 -18.03 -9.91
C PHE A 40 6.45 -18.59 -11.28
N GLY A 41 7.74 -18.49 -11.62
CA GLY A 41 8.20 -18.98 -12.89
C GLY A 41 8.11 -17.92 -13.96
N ILE A 42 7.80 -16.69 -13.55
CA ILE A 42 7.67 -15.56 -14.46
C ILE A 42 8.87 -15.53 -15.41
N ASP A 43 10.05 -15.84 -14.89
CA ASP A 43 11.29 -15.85 -15.69
C ASP A 43 12.10 -17.11 -15.38
N LYS A 44 12.90 -17.55 -16.34
CA LYS A 44 13.72 -18.75 -16.20
C LYS A 44 14.55 -18.84 -14.91
N THR A 45 15.13 -17.71 -14.50
CA THR A 45 16.00 -17.65 -13.32
C THR A 45 15.37 -17.92 -11.95
N ALA A 46 14.99 -16.85 -11.24
CA ALA A 46 14.39 -16.97 -9.91
C ALA A 46 13.13 -17.83 -9.87
N THR A 47 12.68 -18.19 -8.67
CA THR A 47 11.48 -19.00 -8.55
C THR A 47 10.25 -18.16 -8.24
N CYS A 48 10.38 -17.21 -7.33
CA CYS A 48 9.25 -16.36 -6.99
C CYS A 48 9.61 -14.88 -6.96
N ARG A 49 9.42 -14.21 -8.09
CA ARG A 49 9.74 -12.80 -8.21
C ARG A 49 8.58 -11.87 -7.86
N THR A 50 8.90 -10.72 -7.24
CA THR A 50 7.86 -9.74 -6.93
C THR A 50 7.63 -8.93 -8.19
N VAL A 51 6.37 -8.65 -8.51
CA VAL A 51 6.07 -7.89 -9.71
C VAL A 51 4.97 -6.86 -9.49
N ALA A 52 4.77 -6.02 -10.50
CA ALA A 52 3.73 -5.00 -10.46
C ALA A 52 2.75 -5.36 -11.55
N VAL A 53 1.49 -5.51 -11.18
CA VAL A 53 0.49 -5.89 -12.15
C VAL A 53 -0.53 -4.79 -12.39
N LYS A 54 -0.80 -4.47 -13.65
CA LYS A 54 -1.80 -3.47 -14.00
C LYS A 54 -3.01 -4.16 -14.60
N MET A 55 -4.14 -4.03 -13.93
CA MET A 55 -5.40 -4.64 -14.34
C MET A 55 -6.56 -3.64 -14.23
N LEU A 56 -7.65 -3.92 -14.93
CA LEU A 56 -8.81 -3.04 -14.91
C LEU A 56 -9.53 -3.13 -13.57
N LYS A 57 -10.15 -2.04 -13.14
CA LYS A 57 -10.87 -2.04 -11.88
C LYS A 57 -12.29 -2.53 -12.15
N GLU A 58 -12.86 -3.22 -11.18
CA GLU A 58 -14.21 -3.78 -11.26
C GLU A 58 -15.19 -2.94 -12.08
N GLY A 59 -15.82 -3.57 -13.07
CA GLY A 59 -16.77 -2.87 -13.92
C GLY A 59 -16.08 -1.94 -14.90
N ALA A 60 -15.54 -2.51 -15.98
CA ALA A 60 -14.81 -1.71 -16.95
C ALA A 60 -15.36 -1.74 -18.36
N THR A 61 -15.41 -0.55 -18.97
CA THR A 61 -15.90 -0.35 -20.32
C THR A 61 -15.12 -1.21 -21.31
N HIS A 62 -15.84 -1.97 -22.13
CA HIS A 62 -15.22 -2.83 -23.14
C HIS A 62 -14.02 -2.12 -23.79
N SER A 63 -14.09 -0.79 -23.87
CA SER A 63 -13.02 -0.02 -24.47
C SER A 63 -11.80 0.09 -23.56
N GLU A 64 -12.02 0.36 -22.28
CA GLU A 64 -10.89 0.46 -21.35
C GLU A 64 -10.08 -0.83 -21.44
N HIS A 65 -10.75 -1.92 -21.81
CA HIS A 65 -10.10 -3.20 -21.95
C HIS A 65 -9.09 -3.03 -23.08
N ARG A 66 -9.61 -2.79 -24.28
CA ARG A 66 -8.81 -2.61 -25.47
C ARG A 66 -7.67 -1.59 -25.27
N ALA A 67 -7.92 -0.59 -24.44
CA ALA A 67 -6.90 0.41 -24.13
C ALA A 67 -5.74 -0.28 -23.40
N LEU A 68 -6.06 -1.12 -22.42
CA LEU A 68 -5.03 -1.84 -21.67
C LEU A 68 -4.27 -2.77 -22.61
N MET A 69 -5.00 -3.44 -23.49
CA MET A 69 -4.39 -4.34 -24.49
C MET A 69 -3.43 -3.59 -25.40
N SER A 70 -3.79 -2.37 -25.79
CA SER A 70 -2.93 -1.56 -26.66
C SER A 70 -1.67 -1.16 -25.92
N GLU A 71 -1.82 -0.79 -24.65
CA GLU A 71 -0.68 -0.43 -23.84
C GLU A 71 0.26 -1.63 -23.88
N LEU A 72 -0.30 -2.82 -23.70
CA LEU A 72 0.49 -4.04 -23.71
C LEU A 72 1.26 -4.26 -25.00
N LYS A 73 0.54 -4.21 -26.12
CA LYS A 73 1.16 -4.41 -27.42
C LYS A 73 2.24 -3.36 -27.66
N ILE A 74 1.98 -2.13 -27.21
CA ILE A 74 2.93 -1.04 -27.37
C ILE A 74 4.21 -1.39 -26.64
N LEU A 75 4.07 -1.88 -25.42
CA LEU A 75 5.22 -2.25 -24.63
C LEU A 75 5.97 -3.39 -25.35
N ILE A 76 5.22 -4.34 -25.91
CA ILE A 76 5.84 -5.44 -26.63
C ILE A 76 6.54 -4.86 -27.86
N HIS A 77 5.91 -3.89 -28.51
CA HIS A 77 6.47 -3.24 -29.69
C HIS A 77 7.72 -2.42 -29.32
N ILE A 78 7.62 -1.59 -28.30
CA ILE A 78 8.73 -0.76 -27.86
C ILE A 78 10.02 -1.57 -27.68
N GLY A 79 9.93 -2.73 -27.05
CA GLY A 79 11.11 -3.53 -26.86
C GLY A 79 11.73 -3.31 -25.50
N HIS A 80 12.88 -3.92 -25.26
CA HIS A 80 13.53 -3.78 -23.97
C HIS A 80 14.60 -2.70 -23.87
N HIS A 81 14.64 -2.02 -22.74
CA HIS A 81 15.64 -1.01 -22.48
C HIS A 81 15.71 -0.87 -20.98
N LEU A 82 16.93 -0.91 -20.48
CA LEU A 82 17.18 -0.80 -19.06
C LEU A 82 16.47 0.36 -18.40
N ASN A 83 16.25 1.44 -19.15
CA ASN A 83 15.63 2.61 -18.58
C ASN A 83 14.15 2.84 -18.80
N VAL A 84 13.45 1.76 -19.18
CA VAL A 84 12.00 1.81 -19.38
C VAL A 84 11.47 0.58 -18.66
N VAL A 85 10.55 0.80 -17.73
CA VAL A 85 10.02 -0.30 -16.93
C VAL A 85 9.80 -1.56 -17.79
N ASN A 86 10.43 -2.65 -17.37
CA ASN A 86 10.37 -3.92 -18.12
C ASN A 86 9.07 -4.70 -17.98
N LEU A 87 8.57 -5.12 -19.14
CA LEU A 87 7.37 -5.93 -19.29
C LEU A 87 7.80 -7.36 -19.05
N LEU A 88 7.16 -8.02 -18.10
CA LEU A 88 7.54 -9.40 -17.78
C LEU A 88 6.56 -10.45 -18.35
N GLY A 89 5.27 -10.13 -18.36
CA GLY A 89 4.30 -11.07 -18.87
C GLY A 89 2.94 -10.45 -19.04
N ALA A 90 1.92 -11.29 -19.14
CA ALA A 90 0.59 -10.80 -19.32
C ALA A 90 -0.43 -11.94 -19.36
N CYS A 91 -1.57 -11.71 -18.72
CA CYS A 91 -2.65 -12.67 -18.70
C CYS A 91 -3.70 -12.07 -19.63
N THR A 92 -3.88 -12.68 -20.80
CA THR A 92 -4.83 -12.14 -21.76
C THR A 92 -5.90 -13.11 -22.20
N LYS A 93 -5.58 -14.40 -22.20
CA LYS A 93 -6.58 -15.37 -22.62
C LYS A 93 -7.72 -15.38 -21.65
N PRO A 94 -8.88 -15.85 -22.09
CA PRO A 94 -10.07 -15.91 -21.25
C PRO A 94 -9.89 -16.65 -19.93
N GLY A 95 -10.82 -16.42 -19.02
CA GLY A 95 -10.79 -17.11 -17.74
C GLY A 95 -10.70 -16.21 -16.53
N GLY A 96 -10.02 -15.08 -16.69
CA GLY A 96 -9.85 -14.15 -15.61
C GLY A 96 -9.73 -12.75 -16.17
N PRO A 97 -9.43 -11.74 -15.34
CA PRO A 97 -9.30 -10.37 -15.80
C PRO A 97 -7.98 -10.15 -16.56
N LEU A 98 -7.98 -9.17 -17.47
CA LEU A 98 -6.79 -8.84 -18.25
C LEU A 98 -5.72 -8.23 -17.34
N MET A 99 -4.48 -8.70 -17.42
CA MET A 99 -3.41 -8.18 -16.55
C MET A 99 -2.05 -7.98 -17.26
N VAL A 100 -1.44 -6.81 -17.08
CA VAL A 100 -0.14 -6.55 -17.68
C VAL A 100 0.88 -6.52 -16.56
N ILE A 101 1.87 -7.41 -16.65
CA ILE A 101 2.89 -7.57 -15.63
C ILE A 101 4.26 -6.99 -15.93
N THR A 102 4.82 -6.25 -14.97
CA THR A 102 6.14 -5.67 -15.16
C THR A 102 7.00 -5.94 -13.94
N GLU A 103 8.28 -5.62 -14.08
CA GLU A 103 9.21 -5.77 -12.98
C GLU A 103 8.72 -4.88 -11.85
N PHE A 104 9.28 -5.08 -10.66
CA PHE A 104 8.92 -4.30 -9.50
C PHE A 104 10.10 -3.40 -9.19
N CYS A 105 9.82 -2.17 -8.79
CA CYS A 105 10.85 -1.19 -8.44
C CYS A 105 10.50 -0.82 -7.01
N LYS A 106 11.22 -1.38 -6.04
CA LYS A 106 10.86 -1.12 -4.65
C LYS A 106 10.86 0.30 -4.13
N PHE A 107 11.69 1.17 -4.67
CA PHE A 107 11.71 2.52 -4.15
C PHE A 107 10.59 3.43 -4.62
N GLY A 108 9.82 2.99 -5.62
CA GLY A 108 8.70 3.77 -6.12
C GLY A 108 9.04 4.94 -7.01
N ASN A 109 8.13 5.90 -7.08
CA ASN A 109 8.30 7.09 -7.92
C ASN A 109 9.46 7.97 -7.42
N LEU A 110 10.23 8.50 -8.36
CA LEU A 110 11.43 9.31 -8.12
C LEU A 110 11.22 10.59 -7.36
N SER A 111 10.08 11.22 -7.58
CA SER A 111 9.79 12.47 -6.92
C SER A 111 9.73 12.27 -5.42
N THR A 112 8.89 11.35 -4.98
CA THR A 112 8.78 11.11 -3.56
C THR A 112 10.14 10.67 -3.00
N TYR A 113 10.83 9.83 -3.75
CA TYR A 113 12.11 9.34 -3.29
C TYR A 113 13.08 10.49 -3.01
N LEU A 114 13.23 11.38 -4.00
CA LEU A 114 14.12 12.53 -3.86
C LEU A 114 13.75 13.41 -2.67
N ARG A 115 12.45 13.66 -2.55
CA ARG A 115 11.85 14.47 -1.50
C ARG A 115 12.31 13.98 -0.13
N SER A 116 12.50 12.67 -0.02
CA SER A 116 12.91 12.06 1.23
C SER A 116 14.39 12.12 1.52
N LYS A 117 15.22 12.33 0.49
CA LYS A 117 16.67 12.39 0.68
C LYS A 117 17.16 13.82 0.90
N ARG A 118 16.24 14.74 1.16
CA ARG A 118 16.60 16.13 1.37
C ARG A 118 17.48 16.38 2.60
N ASN A 119 17.53 15.43 3.54
CA ASN A 119 18.39 15.59 4.70
C ASN A 119 19.55 14.64 4.57
N GLU A 120 19.66 13.98 3.41
CA GLU A 120 20.75 13.04 3.17
C GLU A 120 21.37 13.35 1.80
N PHE A 121 21.89 14.57 1.68
CA PHE A 121 22.51 15.03 0.45
C PHE A 121 23.79 15.80 0.65
N VAL A 122 24.75 15.56 -0.23
CA VAL A 122 26.03 16.25 -0.23
C VAL A 122 26.50 16.33 -1.67
N PRO A 123 26.92 17.53 -2.10
CA PRO A 123 27.38 17.75 -3.47
C PRO A 123 28.23 16.60 -3.97
N TYR A 124 29.14 16.14 -3.12
CA TYR A 124 30.04 15.05 -3.45
C TYR A 124 30.63 14.46 -2.16
N LYS A 125 31.34 13.35 -2.25
CA LYS A 125 31.91 12.71 -1.06
C LYS A 125 33.44 12.72 -0.98
N VAL A 126 33.94 12.72 0.25
CA VAL A 126 35.37 12.69 0.54
C VAL A 126 35.51 11.74 1.72
N ALA A 127 36.74 11.33 2.04
CA ALA A 127 37.00 10.44 3.16
C ALA A 127 37.01 11.21 4.48
N PRO A 128 36.39 10.66 5.54
CA PRO A 128 35.69 9.38 5.63
C PRO A 128 34.30 9.43 4.99
N GLU A 129 34.15 8.71 3.89
CA GLU A 129 32.90 8.67 3.16
C GLU A 129 31.77 7.90 3.81
N ASP A 130 32.00 7.35 5.00
CA ASP A 130 30.95 6.61 5.69
C ASP A 130 30.05 7.61 6.40
N LEU A 131 30.44 8.88 6.30
CA LEU A 131 29.65 9.94 6.91
C LEU A 131 28.47 10.22 6.00
N TYR A 132 28.59 9.79 4.74
CA TYR A 132 27.54 9.99 3.75
C TYR A 132 27.03 8.66 3.16
N LYS A 133 27.05 7.59 3.93
CA LYS A 133 26.57 6.31 3.40
C LYS A 133 25.12 6.50 2.96
N ASP A 134 24.77 5.96 1.79
CA ASP A 134 23.42 6.09 1.25
C ASP A 134 23.01 7.55 1.12
N PHE A 135 23.92 8.40 0.68
CA PHE A 135 23.61 9.82 0.53
C PHE A 135 23.40 10.14 -0.95
N LEU A 136 22.59 11.14 -1.25
CA LEU A 136 22.42 11.54 -2.64
C LEU A 136 23.51 12.56 -2.91
N THR A 137 23.99 12.61 -4.15
CA THR A 137 25.02 13.57 -4.55
C THR A 137 24.71 14.09 -5.95
N LEU A 138 25.51 15.03 -6.43
CA LEU A 138 25.28 15.56 -7.77
C LEU A 138 25.37 14.44 -8.80
N GLU A 139 26.32 13.53 -8.60
CA GLU A 139 26.47 12.43 -9.51
C GLU A 139 25.16 11.63 -9.61
N HIS A 140 24.50 11.40 -8.49
CA HIS A 140 23.23 10.65 -8.55
C HIS A 140 22.24 11.44 -9.37
N LEU A 141 22.07 12.71 -9.02
CA LEU A 141 21.12 13.59 -9.69
C LEU A 141 21.37 13.67 -11.19
N ILE A 142 22.64 13.70 -11.57
CA ILE A 142 23.01 13.78 -12.97
C ILE A 142 22.88 12.40 -13.60
N CYS A 143 23.13 11.38 -12.82
CA CYS A 143 23.04 10.02 -13.34
C CYS A 143 21.59 9.75 -13.75
N TYR A 144 20.66 10.02 -12.85
CA TYR A 144 19.26 9.79 -13.14
C TYR A 144 18.88 10.49 -14.43
N SER A 145 19.27 11.76 -14.58
CA SER A 145 18.94 12.51 -15.79
C SER A 145 19.54 11.84 -17.02
N PHE A 146 20.73 11.28 -16.86
CA PHE A 146 21.36 10.62 -17.97
C PHE A 146 20.49 9.42 -18.34
N GLN A 147 20.17 8.58 -17.36
CA GLN A 147 19.35 7.40 -17.61
C GLN A 147 18.01 7.67 -18.27
N VAL A 148 17.26 8.63 -17.74
CA VAL A 148 15.94 8.99 -18.26
C VAL A 148 16.03 9.53 -19.69
N ALA A 149 17.18 10.09 -20.03
CA ALA A 149 17.36 10.62 -21.36
C ALA A 149 17.68 9.49 -22.30
N LYS A 150 18.42 8.50 -21.83
CA LYS A 150 18.76 7.38 -22.67
C LYS A 150 17.49 6.60 -22.93
N GLY A 151 16.58 6.60 -21.97
CA GLY A 151 15.34 5.87 -22.15
C GLY A 151 14.39 6.64 -23.06
N MET A 152 14.49 7.97 -23.02
CA MET A 152 13.65 8.82 -23.84
C MET A 152 14.21 8.82 -25.26
N GLU A 153 15.52 8.59 -25.38
CA GLU A 153 16.15 8.54 -26.69
C GLU A 153 15.65 7.26 -27.35
N PHE A 154 15.61 6.21 -26.55
CA PHE A 154 15.15 4.89 -26.97
C PHE A 154 13.71 4.97 -27.43
N LEU A 155 12.85 5.57 -26.60
CA LEU A 155 11.43 5.70 -26.95
C LEU A 155 11.24 6.46 -28.26
N ALA A 156 11.89 7.61 -28.40
CA ALA A 156 11.77 8.41 -29.61
C ALA A 156 12.25 7.67 -30.85
N SER A 157 13.34 6.91 -30.71
CA SER A 157 13.87 6.17 -31.83
C SER A 157 12.83 5.14 -32.33
N ARG A 158 11.74 4.98 -31.59
CA ARG A 158 10.68 4.05 -31.95
C ARG A 158 9.34 4.74 -32.23
N LYS A 159 9.43 6.02 -32.59
CA LYS A 159 8.27 6.83 -32.92
C LYS A 159 7.30 6.92 -31.76
N CYS A 160 7.83 6.76 -30.55
CA CYS A 160 7.03 6.83 -29.35
C CYS A 160 7.05 8.20 -28.72
N ILE A 161 5.89 8.65 -28.27
CA ILE A 161 5.73 9.94 -27.62
C ILE A 161 5.11 9.74 -26.24
N HIS A 162 5.88 9.95 -25.16
CA HIS A 162 5.36 9.72 -23.82
C HIS A 162 4.11 10.51 -23.46
N ARG A 163 4.13 11.82 -23.69
CA ARG A 163 2.98 12.67 -23.42
C ARG A 163 2.77 13.08 -21.97
N ASP A 164 3.46 12.39 -21.05
CA ASP A 164 3.34 12.72 -19.65
C ASP A 164 4.62 12.40 -18.89
N LEU A 165 5.73 12.90 -19.38
CA LEU A 165 7.02 12.67 -18.75
C LEU A 165 7.11 13.56 -17.52
N ALA A 166 7.36 12.94 -16.37
CA ALA A 166 7.48 13.68 -15.11
C ALA A 166 8.09 12.75 -14.06
N ALA A 167 8.64 13.34 -13.00
CA ALA A 167 9.25 12.54 -11.95
C ALA A 167 8.31 11.46 -11.45
N ARG A 168 7.03 11.77 -11.34
CA ARG A 168 6.08 10.80 -10.83
C ARG A 168 5.98 9.56 -11.72
N ASN A 169 6.38 9.70 -12.98
CA ASN A 169 6.36 8.57 -13.89
C ASN A 169 7.75 7.96 -14.07
N ILE A 170 8.58 8.16 -13.05
CA ILE A 170 9.92 7.60 -13.00
C ILE A 170 10.04 6.71 -11.74
N LEU A 171 10.37 5.44 -11.93
CA LEU A 171 10.48 4.53 -10.82
C LEU A 171 11.94 4.27 -10.52
N LEU A 172 12.22 4.04 -9.24
CA LEU A 172 13.59 3.79 -8.80
C LEU A 172 13.79 2.38 -8.23
N SER A 173 14.77 1.69 -8.82
CA SER A 173 15.12 0.32 -8.44
C SER A 173 16.47 0.25 -7.77
N GLU A 174 16.91 -0.97 -7.50
CA GLU A 174 18.19 -1.23 -6.88
C GLU A 174 19.29 -0.52 -7.64
N LYS A 175 20.43 -0.35 -7.00
CA LYS A 175 21.59 0.27 -7.61
C LYS A 175 21.35 1.57 -8.41
N ASN A 176 20.45 2.41 -7.93
CA ASN A 176 20.15 3.70 -8.58
C ASN A 176 19.88 3.59 -10.07
N VAL A 177 18.98 2.68 -10.43
CA VAL A 177 18.64 2.53 -11.84
C VAL A 177 17.21 3.04 -11.97
N VAL A 178 17.02 4.13 -12.69
CA VAL A 178 15.66 4.63 -12.85
C VAL A 178 15.00 4.05 -14.10
N LYS A 179 13.67 4.04 -14.09
CA LYS A 179 12.93 3.51 -15.21
C LYS A 179 11.70 4.36 -15.59
N ILE A 180 11.59 4.70 -16.87
CA ILE A 180 10.46 5.48 -17.36
C ILE A 180 9.22 4.62 -17.38
N CYS A 181 8.17 5.03 -16.70
CA CYS A 181 6.97 4.22 -16.73
C CYS A 181 5.82 5.17 -17.03
N ASP A 182 4.60 4.69 -16.87
CA ASP A 182 3.45 5.53 -17.14
C ASP A 182 2.26 4.94 -16.41
N PHE A 183 1.69 5.69 -15.49
CA PHE A 183 0.55 5.22 -14.70
C PHE A 183 -0.81 5.46 -15.36
N LEU A 203 -1.85 19.43 -11.49
CA LEU A 203 -2.25 19.17 -12.87
C LEU A 203 -1.06 18.88 -13.75
N PRO A 204 -1.31 18.23 -14.90
CA PRO A 204 -0.28 17.89 -15.87
C PRO A 204 0.10 19.14 -16.70
N LEU A 205 -0.69 20.21 -16.62
CA LEU A 205 -0.36 21.42 -17.36
C LEU A 205 1.02 21.95 -17.01
N LYS A 206 1.47 21.69 -15.79
CA LYS A 206 2.77 22.15 -15.37
C LYS A 206 3.95 21.46 -16.07
N TRP A 207 3.66 20.42 -16.82
CA TRP A 207 4.70 19.67 -17.54
C TRP A 207 4.50 19.82 -19.04
N MET A 208 3.35 20.36 -19.42
CA MET A 208 3.03 20.51 -20.82
C MET A 208 3.69 21.70 -21.49
N ALA A 209 4.12 21.48 -22.73
CA ALA A 209 4.76 22.53 -23.54
C ALA A 209 3.67 23.47 -24.05
N PRO A 210 4.03 24.73 -24.33
CA PRO A 210 3.14 25.77 -24.83
C PRO A 210 2.27 25.29 -26.02
N GLU A 211 2.91 24.70 -27.02
CA GLU A 211 2.17 24.22 -28.18
C GLU A 211 1.18 23.12 -27.77
N THR A 212 1.53 22.32 -26.77
CA THR A 212 0.66 21.24 -26.31
C THR A 212 -0.56 21.81 -25.58
N ILE A 213 -0.35 22.92 -24.89
CA ILE A 213 -1.43 23.55 -24.19
C ILE A 213 -2.37 24.29 -25.16
N PHE A 214 -1.82 25.19 -25.98
CA PHE A 214 -2.64 25.98 -26.88
C PHE A 214 -3.11 25.34 -28.17
N ASP A 215 -2.43 24.26 -28.59
CA ASP A 215 -2.80 23.57 -29.82
C ASP A 215 -3.18 22.09 -29.64
N ARG A 216 -2.86 21.50 -28.49
CA ARG A 216 -3.19 20.11 -28.27
C ARG A 216 -2.24 19.23 -29.07
N VAL A 217 -1.13 19.81 -29.50
CA VAL A 217 -0.12 19.11 -30.30
C VAL A 217 0.97 18.44 -29.47
N TYR A 218 0.98 17.11 -29.48
CA TYR A 218 1.98 16.32 -28.76
C TYR A 218 3.05 15.82 -29.74
N THR A 219 4.29 16.29 -29.60
CA THR A 219 5.34 15.83 -30.51
C THR A 219 6.50 15.32 -29.68
N ILE A 220 7.53 14.77 -30.32
CA ILE A 220 8.65 14.28 -29.53
C ILE A 220 9.28 15.47 -28.80
N GLN A 221 9.29 16.62 -29.46
CA GLN A 221 9.87 17.81 -28.87
C GLN A 221 9.06 18.33 -27.68
N SER A 222 7.78 17.99 -27.63
CA SER A 222 6.95 18.42 -26.52
C SER A 222 7.39 17.59 -25.30
N ASP A 223 7.98 16.42 -25.57
CA ASP A 223 8.48 15.56 -24.50
C ASP A 223 9.79 16.13 -23.97
N VAL A 224 10.57 16.73 -24.86
CA VAL A 224 11.83 17.31 -24.43
C VAL A 224 11.50 18.46 -23.47
N TRP A 225 10.39 19.16 -23.70
CA TRP A 225 9.98 20.26 -22.84
C TRP A 225 9.75 19.66 -21.46
N SER A 226 9.00 18.56 -21.43
CA SER A 226 8.69 17.89 -20.19
C SER A 226 9.93 17.37 -19.48
N PHE A 227 10.90 16.88 -20.24
CA PHE A 227 12.16 16.38 -19.68
C PHE A 227 12.79 17.58 -18.96
N GLY A 228 12.52 18.77 -19.49
CA GLY A 228 13.03 20.00 -18.89
C GLY A 228 12.41 20.19 -17.51
N VAL A 229 11.10 19.99 -17.42
CA VAL A 229 10.40 20.10 -16.15
C VAL A 229 10.89 19.00 -15.20
N LEU A 230 11.15 17.83 -15.75
CA LEU A 230 11.64 16.71 -14.96
C LEU A 230 13.01 17.05 -14.35
N LEU A 231 13.87 17.67 -15.16
CA LEU A 231 15.20 18.03 -14.67
C LEU A 231 15.10 18.95 -13.46
N TRP A 232 14.20 19.90 -13.54
CA TRP A 232 13.99 20.85 -12.48
C TRP A 232 13.51 20.11 -11.24
N GLU A 233 12.65 19.12 -11.43
CA GLU A 233 12.16 18.34 -10.31
C GLU A 233 13.30 17.62 -9.64
N ILE A 234 14.08 16.94 -10.46
CA ILE A 234 15.22 16.20 -9.98
C ILE A 234 16.16 17.09 -9.19
N PHE A 235 16.55 18.24 -9.74
CA PHE A 235 17.46 19.14 -9.02
C PHE A 235 16.87 20.07 -7.97
N SER A 236 15.63 19.81 -7.57
CA SER A 236 14.97 20.57 -6.50
C SER A 236 14.63 19.46 -5.50
N LEU A 237 15.18 18.29 -5.79
CA LEU A 237 14.98 17.10 -4.99
C LEU A 237 13.53 16.79 -4.72
N GLY A 238 12.74 16.75 -5.80
CA GLY A 238 11.33 16.39 -5.66
C GLY A 238 10.35 17.51 -5.42
N ALA A 239 10.76 18.73 -5.70
CA ALA A 239 9.88 19.88 -5.50
C ALA A 239 8.75 19.85 -6.52
N SER A 240 7.75 20.68 -6.30
CA SER A 240 6.62 20.77 -7.20
C SER A 240 6.96 21.96 -8.09
N PRO A 241 6.92 21.77 -9.42
CA PRO A 241 7.23 22.85 -10.36
C PRO A 241 6.32 24.06 -10.21
N TYR A 242 6.86 25.23 -10.54
CA TYR A 242 6.12 26.49 -10.47
C TYR A 242 5.54 26.72 -9.08
N PRO A 243 6.39 26.67 -8.05
CA PRO A 243 5.97 26.86 -6.66
C PRO A 243 5.23 28.18 -6.43
N GLY A 244 4.03 28.08 -5.86
CA GLY A 244 3.24 29.27 -5.59
C GLY A 244 2.26 29.63 -6.70
N VAL A 245 2.76 29.61 -7.94
CA VAL A 245 1.94 29.95 -9.09
C VAL A 245 0.63 29.17 -9.14
N LYS A 246 -0.46 29.86 -9.44
CA LYS A 246 -1.74 29.19 -9.57
C LYS A 246 -1.82 28.87 -11.06
N ILE A 247 -2.28 27.68 -11.39
CA ILE A 247 -2.38 27.29 -12.79
C ILE A 247 -3.62 27.91 -13.41
N ASP A 248 -3.48 29.10 -13.99
CA ASP A 248 -4.62 29.79 -14.60
C ASP A 248 -4.26 30.45 -15.93
N GLU A 249 -5.13 31.31 -16.44
CA GLU A 249 -4.90 31.99 -17.70
C GLU A 249 -3.51 32.63 -17.71
N GLU A 250 -3.21 33.41 -16.67
CA GLU A 250 -1.93 34.08 -16.57
C GLU A 250 -0.78 33.10 -16.65
N PHE A 251 -0.87 32.01 -15.92
CA PHE A 251 0.19 31.01 -15.97
C PHE A 251 0.47 30.65 -17.43
N CYS A 252 -0.57 30.19 -18.12
CA CYS A 252 -0.44 29.83 -19.52
C CYS A 252 0.05 31.02 -20.36
N ARG A 253 -0.52 32.19 -20.13
CA ARG A 253 -0.12 33.39 -20.87
C ARG A 253 1.37 33.66 -20.74
N ARG A 254 1.88 33.62 -19.51
CA ARG A 254 3.30 33.87 -19.25
C ARG A 254 4.19 32.81 -19.87
N LEU A 255 3.77 31.56 -19.77
CA LEU A 255 4.52 30.44 -20.32
C LEU A 255 4.69 30.65 -21.81
N LYS A 256 3.58 31.00 -22.46
CA LYS A 256 3.56 31.25 -23.89
C LYS A 256 4.55 32.39 -24.18
N GLU A 257 4.41 33.48 -23.42
CA GLU A 257 5.24 34.64 -23.62
C GLU A 257 6.72 34.54 -23.26
N GLY A 258 7.18 33.41 -22.74
CA GLY A 258 8.60 33.30 -22.44
C GLY A 258 9.07 33.10 -21.02
N THR A 259 8.25 33.44 -20.03
CA THR A 259 8.61 33.30 -18.61
C THR A 259 9.02 31.87 -18.26
N ARG A 260 10.00 31.73 -17.36
CA ARG A 260 10.50 30.41 -16.95
C ARG A 260 10.85 30.30 -15.47
N MET A 261 10.84 29.07 -14.97
CA MET A 261 11.17 28.82 -13.59
C MET A 261 12.58 29.25 -13.32
N ARG A 262 12.88 29.57 -12.07
CA ARG A 262 14.22 29.97 -11.69
C ARG A 262 14.95 28.65 -11.40
N ALA A 263 16.27 28.72 -11.30
CA ALA A 263 17.08 27.52 -11.04
C ALA A 263 16.77 26.93 -9.66
N PRO A 264 16.63 25.60 -9.59
CA PRO A 264 16.33 24.86 -8.36
C PRO A 264 17.55 24.80 -7.42
N ASP A 265 17.29 24.73 -6.10
CA ASP A 265 18.33 24.70 -5.07
C ASP A 265 19.50 23.73 -5.24
N TYR A 266 19.33 22.63 -5.97
CA TYR A 266 20.46 21.70 -6.09
C TYR A 266 21.03 21.61 -7.50
N THR A 267 20.60 22.50 -8.36
CA THR A 267 21.11 22.49 -9.74
C THR A 267 22.51 23.08 -9.87
N THR A 268 23.14 22.79 -11.00
CA THR A 268 24.47 23.30 -11.37
C THR A 268 24.28 24.30 -12.52
N PRO A 269 25.29 25.14 -12.80
CA PRO A 269 25.14 26.10 -13.90
C PRO A 269 24.77 25.45 -15.23
N GLU A 270 25.52 24.42 -15.61
CA GLU A 270 25.27 23.74 -16.87
C GLU A 270 23.90 23.05 -16.89
N MET A 271 23.49 22.48 -15.77
CA MET A 271 22.21 21.79 -15.75
C MET A 271 21.03 22.71 -16.00
N TYR A 272 20.99 23.80 -15.24
CA TYR A 272 19.91 24.77 -15.38
C TYR A 272 19.78 25.27 -16.80
N GLN A 273 20.92 25.53 -17.44
CA GLN A 273 20.93 26.01 -18.82
C GLN A 273 20.25 24.96 -19.72
N THR A 274 20.54 23.68 -19.47
CA THR A 274 19.92 22.61 -20.26
C THR A 274 18.41 22.68 -20.06
N MET A 275 17.98 23.06 -18.87
CA MET A 275 16.56 23.18 -18.60
C MET A 275 15.99 24.29 -19.44
N LEU A 276 16.73 25.39 -19.58
CA LEU A 276 16.24 26.49 -20.41
C LEU A 276 16.21 26.02 -21.85
N ASP A 277 17.28 25.37 -22.29
CA ASP A 277 17.35 24.87 -23.64
C ASP A 277 16.12 24.03 -23.92
N CYS A 278 15.78 23.17 -22.97
CA CYS A 278 14.63 22.30 -23.12
C CYS A 278 13.33 23.06 -23.20
N TRP A 279 13.26 24.20 -22.53
CA TRP A 279 12.05 24.99 -22.52
C TRP A 279 11.97 26.03 -23.63
N HIS A 280 12.78 25.85 -24.67
CA HIS A 280 12.76 26.81 -25.75
C HIS A 280 11.34 26.96 -26.36
N GLY A 281 11.00 28.18 -26.76
CA GLY A 281 9.71 28.45 -27.36
C GLY A 281 9.51 27.66 -28.65
N GLU A 282 10.49 27.68 -29.55
CA GLU A 282 10.38 26.92 -30.80
C GLU A 282 10.73 25.45 -30.53
N PRO A 283 9.74 24.54 -30.68
CA PRO A 283 10.05 23.14 -30.42
C PRO A 283 11.26 22.72 -31.25
N SER A 284 11.36 23.24 -32.47
CA SER A 284 12.46 22.89 -33.35
C SER A 284 13.80 23.31 -32.78
N GLN A 285 13.79 24.32 -31.90
CA GLN A 285 15.03 24.83 -31.29
C GLN A 285 15.47 24.08 -30.04
N ARG A 286 14.60 23.24 -29.48
CA ARG A 286 14.94 22.44 -28.30
C ARG A 286 15.91 21.34 -28.69
N PRO A 287 16.80 20.92 -27.77
CA PRO A 287 17.73 19.86 -28.13
C PRO A 287 16.95 18.58 -28.38
N THR A 288 17.61 17.55 -28.87
CA THR A 288 16.92 16.30 -29.11
C THR A 288 17.41 15.37 -28.00
N PHE A 289 16.70 14.28 -27.73
CA PHE A 289 17.14 13.39 -26.69
C PHE A 289 18.54 12.87 -26.97
N SER A 290 18.86 12.64 -28.24
CA SER A 290 20.19 12.17 -28.59
C SER A 290 21.25 13.21 -28.16
N GLU A 291 20.92 14.48 -28.37
CA GLU A 291 21.85 15.53 -27.98
C GLU A 291 21.93 15.59 -26.47
N LEU A 292 20.78 15.41 -25.83
CA LEU A 292 20.71 15.46 -24.38
C LEU A 292 21.50 14.33 -23.74
N VAL A 293 21.44 13.14 -24.33
CA VAL A 293 22.21 12.01 -23.77
C VAL A 293 23.68 12.40 -23.88
N GLU A 294 24.07 12.79 -25.09
CA GLU A 294 25.43 13.20 -25.39
C GLU A 294 25.90 14.26 -24.39
N HIS A 295 25.05 15.23 -24.11
CA HIS A 295 25.43 16.29 -23.20
C HIS A 295 25.53 15.91 -21.73
N LEU A 296 24.50 15.24 -21.22
CA LEU A 296 24.48 14.81 -19.83
C LEU A 296 25.62 13.84 -19.54
N GLY A 297 25.89 12.96 -20.48
CA GLY A 297 26.98 12.02 -20.28
C GLY A 297 28.23 12.82 -19.97
N ASN A 298 28.44 13.89 -20.73
CA ASN A 298 29.60 14.75 -20.55
C ASN A 298 29.53 15.41 -19.17
N LEU A 299 28.41 16.04 -18.85
CA LEU A 299 28.31 16.66 -17.55
C LEU A 299 28.60 15.60 -16.46
N LEU A 300 28.14 14.37 -16.69
CA LEU A 300 28.36 13.30 -15.73
C LEU A 300 29.86 12.99 -15.60
N GLN A 301 30.57 13.07 -16.72
CA GLN A 301 31.99 12.79 -16.74
C GLN A 301 32.80 13.85 -15.99
N ALA A 302 32.49 15.12 -16.25
CA ALA A 302 33.19 16.24 -15.62
C ALA A 302 33.04 16.21 -14.12
N ASN A 303 31.81 15.95 -13.67
CA ASN A 303 31.49 15.89 -12.26
C ASN A 303 32.36 14.83 -11.63
N ALA A 304 32.47 13.71 -12.34
CA ALA A 304 33.25 12.58 -11.88
C ALA A 304 34.71 12.99 -11.71
N GLN A 305 35.31 13.54 -12.76
CA GLN A 305 36.69 13.97 -12.67
C GLN A 305 36.81 14.95 -11.50
N GLN A 306 35.95 15.96 -11.45
CA GLN A 306 35.97 16.92 -10.36
C GLN A 306 35.94 16.20 -9.01
N ASP A 307 34.96 15.31 -8.84
CA ASP A 307 34.82 14.52 -7.62
C ASP A 307 36.12 13.79 -7.28
N ARG A 308 36.80 13.28 -8.30
CA ARG A 308 38.03 12.58 -8.08
C ARG A 308 39.10 13.50 -7.47
N HIS A 309 39.21 14.73 -7.96
CA HIS A 309 40.20 15.61 -7.37
C HIS A 309 39.79 15.99 -5.96
N HIS A 310 38.50 16.26 -5.77
CA HIS A 310 37.99 16.62 -4.45
C HIS A 310 38.37 15.55 -3.46
N HIS A 311 38.15 14.31 -3.87
CA HIS A 311 38.42 13.14 -3.04
C HIS A 311 39.91 12.94 -2.80
N HIS A 312 40.70 13.19 -3.85
CA HIS A 312 42.15 13.01 -3.81
C HIS A 312 42.94 13.99 -2.93
N HIS A 313 42.45 15.21 -2.77
CA HIS A 313 43.17 16.19 -1.96
C HIS A 313 42.63 16.27 -0.54
N HIS A 314 41.46 15.68 -0.31
CA HIS A 314 40.84 15.73 1.01
C HIS A 314 40.43 14.35 1.52
N LEU B 6 -30.92 -18.59 9.82
CA LEU B 6 -29.96 -18.11 8.78
C LEU B 6 -29.70 -19.23 7.76
N PRO B 7 -29.81 -18.89 6.46
CA PRO B 7 -29.60 -19.81 5.33
C PRO B 7 -28.15 -19.88 4.79
N TYR B 8 -27.92 -20.79 3.86
CA TYR B 8 -26.59 -20.94 3.27
C TYR B 8 -26.69 -21.04 1.75
N ASP B 9 -26.35 -19.95 1.09
CA ASP B 9 -26.39 -19.87 -0.36
C ASP B 9 -25.16 -20.54 -0.97
N ALA B 10 -25.20 -21.86 -1.07
CA ALA B 10 -24.09 -22.64 -1.61
C ALA B 10 -23.64 -22.14 -2.99
N SER B 11 -24.59 -21.62 -3.75
CA SER B 11 -24.31 -21.12 -5.10
C SER B 11 -23.24 -20.03 -5.06
N LYS B 12 -23.32 -19.19 -4.01
CA LYS B 12 -22.40 -18.08 -3.83
C LYS B 12 -21.18 -18.35 -2.94
N TRP B 13 -21.33 -19.22 -1.93
CA TRP B 13 -20.21 -19.49 -1.01
C TRP B 13 -19.42 -20.81 -1.06
N GLU B 14 -19.97 -21.85 -1.68
CA GLU B 14 -19.26 -23.14 -1.73
C GLU B 14 -18.01 -23.12 -2.62
N PHE B 15 -16.87 -23.53 -2.07
CA PHE B 15 -15.61 -23.55 -2.80
C PHE B 15 -15.08 -24.99 -2.82
N PRO B 16 -14.68 -25.48 -4.00
CA PRO B 16 -14.14 -26.83 -4.23
C PRO B 16 -12.91 -27.21 -3.41
N ARG B 17 -13.08 -28.17 -2.50
CA ARG B 17 -11.99 -28.60 -1.65
C ARG B 17 -10.68 -28.88 -2.39
N ASP B 18 -10.76 -29.47 -3.58
CA ASP B 18 -9.52 -29.79 -4.26
C ASP B 18 -8.89 -28.58 -4.93
N ARG B 19 -9.54 -27.43 -4.75
CA ARG B 19 -9.04 -26.17 -5.28
C ARG B 19 -8.30 -25.45 -4.15
N LEU B 20 -8.31 -26.07 -2.97
CA LEU B 20 -7.69 -25.54 -1.76
C LEU B 20 -6.54 -26.44 -1.29
N LYS B 21 -5.34 -25.88 -1.16
CA LYS B 21 -4.18 -26.65 -0.69
C LYS B 21 -3.74 -26.22 0.71
N LEU B 22 -4.08 -27.05 1.69
CA LEU B 22 -3.77 -26.81 3.09
C LEU B 22 -2.27 -26.80 3.40
N GLY B 23 -1.82 -25.82 4.17
CA GLY B 23 -0.41 -25.75 4.51
C GLY B 23 -0.18 -25.97 6.00
N LYS B 24 0.72 -25.17 6.56
CA LYS B 24 1.08 -25.21 7.97
C LYS B 24 -0.07 -24.71 8.83
N PRO B 25 -0.19 -25.24 10.05
CA PRO B 25 -1.26 -24.81 10.95
C PRO B 25 -0.91 -23.42 11.48
N LEU B 26 -1.91 -22.57 11.66
CA LEU B 26 -1.63 -21.24 12.20
C LEU B 26 -1.93 -21.26 13.69
N GLY B 27 -3.03 -21.90 14.07
CA GLY B 27 -3.40 -21.99 15.47
C GLY B 27 -4.33 -23.16 15.79
N ARG B 28 -4.26 -23.66 17.02
CA ARG B 28 -5.11 -24.78 17.44
C ARG B 28 -5.72 -24.45 18.80
N GLY B 29 -6.60 -25.32 19.28
CA GLY B 29 -7.25 -25.10 20.57
C GLY B 29 -8.50 -25.94 20.77
N GLY B 32 -11.21 -27.26 17.23
CA GLY B 32 -11.07 -26.28 16.16
C GLY B 32 -9.63 -25.89 15.88
N GLN B 33 -9.34 -25.55 14.63
CA GLN B 33 -7.99 -25.15 14.24
C GLN B 33 -8.00 -24.34 12.96
N VAL B 34 -7.12 -23.34 12.90
CA VAL B 34 -7.00 -22.46 11.74
C VAL B 34 -5.75 -22.88 11.00
N ILE B 35 -5.89 -23.06 9.69
CA ILE B 35 -4.75 -23.47 8.89
C ILE B 35 -4.53 -22.57 7.70
N GLU B 36 -3.26 -22.27 7.44
CA GLU B 36 -2.90 -21.43 6.32
C GLU B 36 -3.10 -22.27 5.06
N ALA B 37 -3.42 -21.63 3.94
CA ALA B 37 -3.62 -22.39 2.73
C ALA B 37 -3.60 -21.58 1.46
N ASP B 38 -3.48 -22.30 0.36
CA ASP B 38 -3.48 -21.70 -0.95
C ASP B 38 -4.77 -22.09 -1.61
N ALA B 39 -5.53 -21.09 -2.03
CA ALA B 39 -6.78 -21.33 -2.72
C ALA B 39 -6.61 -20.87 -4.17
N PHE B 40 -7.05 -21.69 -5.11
CA PHE B 40 -6.94 -21.36 -6.52
C PHE B 40 -8.29 -21.00 -7.13
N GLY B 41 -8.46 -19.73 -7.46
CA GLY B 41 -9.72 -19.30 -8.06
C GLY B 41 -10.77 -18.85 -7.06
N ILE B 42 -10.35 -18.67 -5.82
CA ILE B 42 -11.24 -18.25 -4.75
C ILE B 42 -12.05 -16.98 -5.02
N ASP B 43 -11.52 -16.09 -5.85
CA ASP B 43 -12.21 -14.85 -6.21
C ASP B 43 -12.25 -14.61 -7.73
N LYS B 44 -12.73 -13.43 -8.12
CA LYS B 44 -12.86 -13.10 -9.54
C LYS B 44 -11.57 -12.95 -10.32
N THR B 45 -10.44 -12.78 -9.64
CA THR B 45 -9.16 -12.61 -10.33
C THR B 45 -8.62 -13.93 -10.89
N ALA B 46 -9.27 -15.04 -10.53
CA ALA B 46 -8.87 -16.36 -11.00
C ALA B 46 -7.40 -16.64 -10.74
N THR B 47 -6.88 -16.15 -9.62
CA THR B 47 -5.47 -16.33 -9.26
C THR B 47 -5.29 -17.09 -7.95
N CYS B 48 -4.03 -17.34 -7.58
CA CYS B 48 -3.72 -18.04 -6.34
C CYS B 48 -3.71 -17.02 -5.20
N ARG B 49 -4.33 -17.36 -4.09
CA ARG B 49 -4.43 -16.45 -2.97
C ARG B 49 -4.25 -17.15 -1.63
N THR B 50 -3.42 -16.59 -0.76
CA THR B 50 -3.21 -17.18 0.54
C THR B 50 -4.45 -16.95 1.41
N VAL B 51 -4.96 -18.02 2.01
CA VAL B 51 -6.12 -17.87 2.85
C VAL B 51 -5.95 -18.59 4.19
N ALA B 52 -6.86 -18.28 5.10
CA ALA B 52 -6.86 -18.89 6.41
C ALA B 52 -8.12 -19.74 6.48
N VAL B 53 -7.94 -21.03 6.79
CA VAL B 53 -9.07 -21.95 6.87
C VAL B 53 -9.30 -22.49 8.27
N LYS B 54 -10.53 -22.34 8.76
CA LYS B 54 -10.88 -22.84 10.09
C LYS B 54 -11.69 -24.11 9.91
N MET B 55 -11.18 -25.21 10.42
CA MET B 55 -11.88 -26.48 10.29
C MET B 55 -11.94 -27.18 11.65
N LEU B 56 -12.75 -28.21 11.75
CA LEU B 56 -12.87 -28.92 13.02
C LEU B 56 -11.66 -29.78 13.33
N LYS B 57 -11.44 -30.02 14.61
CA LYS B 57 -10.32 -30.83 15.06
C LYS B 57 -10.83 -32.28 15.14
N GLU B 58 -10.04 -33.23 14.62
CA GLU B 58 -10.42 -34.65 14.59
C GLU B 58 -11.12 -35.16 15.85
N GLY B 59 -12.19 -35.94 15.67
CA GLY B 59 -12.95 -36.47 16.78
C GLY B 59 -13.83 -35.42 17.44
N ALA B 60 -14.61 -34.71 16.62
CA ALA B 60 -15.45 -33.64 17.10
C ALA B 60 -16.93 -34.00 17.13
N THR B 61 -17.68 -33.23 17.92
CA THR B 61 -19.11 -33.42 18.09
C THR B 61 -19.88 -32.69 17.00
N HIS B 62 -21.10 -33.14 16.71
CA HIS B 62 -21.92 -32.48 15.71
C HIS B 62 -22.26 -31.12 16.27
N SER B 63 -22.17 -30.99 17.59
CA SER B 63 -22.46 -29.72 18.24
C SER B 63 -21.40 -28.72 17.82
N GLU B 64 -20.18 -29.22 17.60
CA GLU B 64 -19.07 -28.37 17.18
C GLU B 64 -19.23 -28.10 15.70
N HIS B 65 -19.71 -29.10 14.97
CA HIS B 65 -19.95 -28.98 13.55
C HIS B 65 -20.96 -27.85 13.35
N ARG B 66 -22.15 -28.06 13.88
CA ARG B 66 -23.23 -27.09 13.77
C ARG B 66 -22.75 -25.71 14.28
N ALA B 67 -21.84 -25.71 15.25
CA ALA B 67 -21.28 -24.49 15.83
C ALA B 67 -20.42 -23.74 14.81
N LEU B 68 -19.64 -24.49 14.03
CA LEU B 68 -18.80 -23.90 13.01
C LEU B 68 -19.72 -23.42 11.88
N MET B 69 -20.73 -24.23 11.54
CA MET B 69 -21.68 -23.85 10.51
C MET B 69 -22.37 -22.55 10.88
N SER B 70 -22.71 -22.40 12.16
CA SER B 70 -23.39 -21.19 12.63
C SER B 70 -22.52 -19.97 12.45
N GLU B 71 -21.26 -20.12 12.84
CA GLU B 71 -20.29 -19.06 12.72
C GLU B 71 -20.27 -18.62 11.24
N LEU B 72 -20.27 -19.60 10.34
CA LEU B 72 -20.28 -19.35 8.91
C LEU B 72 -21.49 -18.49 8.53
N LYS B 73 -22.68 -19.00 8.85
CA LYS B 73 -23.90 -18.30 8.53
C LYS B 73 -23.93 -16.91 9.09
N ILE B 74 -23.32 -16.73 10.26
CA ILE B 74 -23.28 -15.42 10.90
C ILE B 74 -22.41 -14.48 10.08
N LEU B 75 -21.27 -15.00 9.62
CA LEU B 75 -20.37 -14.20 8.82
C LEU B 75 -21.12 -13.81 7.56
N ILE B 76 -21.87 -14.75 7.02
CA ILE B 76 -22.62 -14.50 5.80
C ILE B 76 -23.65 -13.43 6.08
N HIS B 77 -24.27 -13.55 7.24
CA HIS B 77 -25.29 -12.61 7.65
C HIS B 77 -24.73 -11.21 7.88
N ILE B 78 -23.67 -11.14 8.68
CA ILE B 78 -23.02 -9.87 8.98
C ILE B 78 -22.65 -9.13 7.70
N GLY B 79 -22.25 -9.86 6.67
CA GLY B 79 -21.88 -9.19 5.42
C GLY B 79 -20.43 -8.72 5.42
N HIS B 80 -20.09 -7.89 4.44
CA HIS B 80 -18.73 -7.39 4.29
C HIS B 80 -18.42 -6.01 4.88
N HIS B 81 -17.20 -5.88 5.38
CA HIS B 81 -16.72 -4.62 5.92
C HIS B 81 -15.19 -4.69 5.94
N LEU B 82 -14.53 -3.61 5.56
CA LEU B 82 -13.07 -3.59 5.52
C LEU B 82 -12.44 -3.94 6.87
N ASN B 83 -13.12 -3.59 7.95
CA ASN B 83 -12.57 -3.87 9.27
C ASN B 83 -13.11 -5.09 10.00
N VAL B 84 -13.51 -6.10 9.26
CA VAL B 84 -13.95 -7.33 9.87
C VAL B 84 -13.39 -8.38 8.94
N VAL B 85 -12.54 -9.26 9.47
CA VAL B 85 -11.95 -10.30 8.64
C VAL B 85 -12.95 -10.82 7.59
N ASN B 86 -12.58 -10.72 6.32
CA ASN B 86 -13.45 -11.13 5.21
C ASN B 86 -13.66 -12.62 4.95
N LEU B 87 -14.92 -13.02 4.84
CA LEU B 87 -15.24 -14.40 4.53
C LEU B 87 -15.08 -14.62 3.03
N LEU B 88 -14.23 -15.56 2.62
CA LEU B 88 -14.01 -15.78 1.19
C LEU B 88 -14.84 -16.92 0.62
N GLY B 89 -14.99 -17.98 1.39
CA GLY B 89 -15.76 -19.13 0.94
C GLY B 89 -15.91 -20.20 2.00
N ALA B 90 -16.31 -21.39 1.58
CA ALA B 90 -16.48 -22.49 2.53
C ALA B 90 -16.66 -23.82 1.84
N CYS B 91 -16.28 -24.88 2.54
CA CYS B 91 -16.42 -26.24 2.02
C CYS B 91 -17.36 -26.98 2.95
N THR B 92 -18.64 -26.98 2.58
CA THR B 92 -19.68 -27.61 3.36
C THR B 92 -20.22 -28.89 2.71
N LYS B 93 -19.98 -29.06 1.41
CA LYS B 93 -20.44 -30.25 0.68
C LYS B 93 -19.95 -31.55 1.30
N PRO B 94 -20.72 -32.64 1.13
CA PRO B 94 -20.28 -33.93 1.68
C PRO B 94 -19.03 -34.28 0.87
N GLY B 95 -18.11 -35.05 1.43
CA GLY B 95 -16.89 -35.39 0.69
C GLY B 95 -15.62 -35.13 1.50
N GLY B 96 -15.63 -34.07 2.30
CA GLY B 96 -14.48 -33.74 3.12
C GLY B 96 -14.91 -33.04 4.41
N PRO B 97 -13.96 -32.52 5.19
CA PRO B 97 -14.28 -31.83 6.44
C PRO B 97 -14.83 -30.44 6.22
N LEU B 98 -15.63 -29.97 7.16
CA LEU B 98 -16.23 -28.65 7.04
C LEU B 98 -15.12 -27.63 7.19
N MET B 99 -15.10 -26.67 6.28
CA MET B 99 -14.07 -25.63 6.29
C MET B 99 -14.63 -24.25 6.00
N VAL B 100 -14.26 -23.28 6.82
CA VAL B 100 -14.69 -21.89 6.62
C VAL B 100 -13.47 -21.08 6.23
N ILE B 101 -13.48 -20.51 5.03
CA ILE B 101 -12.33 -19.77 4.53
C ILE B 101 -12.44 -18.26 4.61
N THR B 102 -11.35 -17.62 5.05
CA THR B 102 -11.29 -16.16 5.14
C THR B 102 -9.98 -15.66 4.53
N GLU B 103 -9.87 -14.34 4.39
CA GLU B 103 -8.68 -13.72 3.84
C GLU B 103 -7.51 -13.93 4.78
N PHE B 104 -6.30 -13.70 4.31
CA PHE B 104 -5.11 -13.87 5.13
C PHE B 104 -4.57 -12.51 5.61
N CYS B 105 -4.19 -12.44 6.89
CA CYS B 105 -3.65 -11.23 7.50
C CYS B 105 -2.23 -11.53 7.93
N LYS B 106 -1.29 -11.47 6.99
CA LYS B 106 0.08 -11.85 7.27
C LYS B 106 0.76 -11.35 8.53
N PHE B 107 0.32 -10.23 9.11
CA PHE B 107 0.96 -9.74 10.34
C PHE B 107 0.36 -10.31 11.62
N GLY B 108 -0.71 -11.10 11.50
CA GLY B 108 -1.28 -11.72 12.69
C GLY B 108 -1.96 -10.82 13.72
N ASN B 109 -2.20 -11.38 14.91
CA ASN B 109 -2.87 -10.67 15.99
C ASN B 109 -2.10 -9.40 16.37
N LEU B 110 -2.85 -8.33 16.60
CA LEU B 110 -2.27 -7.03 16.88
C LEU B 110 -1.46 -6.90 18.17
N SER B 111 -1.79 -7.68 19.20
CA SER B 111 -1.04 -7.57 20.45
C SER B 111 0.43 -7.96 20.26
N THR B 112 0.66 -9.09 19.61
CA THR B 112 2.00 -9.61 19.35
C THR B 112 2.72 -8.68 18.38
N TYR B 113 1.97 -8.13 17.44
CA TYR B 113 2.55 -7.21 16.47
C TYR B 113 3.07 -5.97 17.21
N LEU B 114 2.16 -5.30 17.93
CA LEU B 114 2.54 -4.10 18.68
C LEU B 114 3.71 -4.38 19.62
N ARG B 115 3.61 -5.46 20.39
CA ARG B 115 4.65 -5.81 21.34
C ARG B 115 6.01 -5.71 20.65
N SER B 116 6.07 -6.16 19.40
CA SER B 116 7.29 -6.16 18.61
C SER B 116 7.74 -4.83 18.04
N LYS B 117 6.89 -3.82 18.13
CA LYS B 117 7.28 -2.52 17.57
C LYS B 117 7.72 -1.58 18.65
N ARG B 118 7.83 -2.08 19.88
CA ARG B 118 8.23 -1.22 20.99
C ARG B 118 9.59 -0.54 20.81
N ASN B 119 10.46 -1.11 19.98
CA ASN B 119 11.77 -0.53 19.73
C ASN B 119 11.79 0.28 18.45
N GLU B 120 10.64 0.40 17.81
CA GLU B 120 10.55 1.13 16.55
C GLU B 120 9.33 2.02 16.62
N PHE B 121 9.25 2.82 17.69
CA PHE B 121 8.12 3.68 17.88
C PHE B 121 8.54 5.12 18.15
N VAL B 122 7.76 6.04 17.62
CA VAL B 122 8.01 7.45 17.82
C VAL B 122 6.64 8.08 17.84
N PRO B 123 6.37 8.92 18.85
CA PRO B 123 5.07 9.59 18.97
C PRO B 123 4.82 10.50 17.78
N TYR B 124 5.81 11.33 17.49
CA TYR B 124 5.76 12.29 16.38
C TYR B 124 5.76 11.65 14.98
N LYS B 125 6.21 12.41 13.98
CA LYS B 125 6.23 11.92 12.59
C LYS B 125 7.28 10.86 12.33
N TYR B 132 11.86 7.95 8.60
CA TYR B 132 12.01 7.80 7.18
C TYR B 132 11.28 6.48 6.71
N LYS B 133 11.50 5.31 7.33
CA LYS B 133 10.78 4.13 6.85
C LYS B 133 10.56 2.98 7.83
N ASP B 134 9.32 2.74 8.18
CA ASP B 134 8.95 1.63 8.97
C ASP B 134 8.68 1.64 10.46
N PHE B 135 8.32 2.80 11.02
CA PHE B 135 8.05 2.94 12.44
C PHE B 135 6.57 2.94 12.77
N LEU B 136 6.28 2.92 14.07
CA LEU B 136 4.91 2.96 14.58
C LEU B 136 4.80 4.36 15.18
N THR B 137 3.64 4.96 15.07
CA THR B 137 3.48 6.30 15.59
C THR B 137 2.12 6.44 16.25
N LEU B 138 1.91 7.52 16.99
CA LEU B 138 0.61 7.72 17.62
C LEU B 138 -0.45 7.59 16.55
N GLU B 139 -0.19 8.14 15.36
CA GLU B 139 -1.18 8.08 14.30
C GLU B 139 -1.63 6.65 14.00
N HIS B 140 -0.68 5.72 13.99
CA HIS B 140 -1.01 4.32 13.74
C HIS B 140 -1.93 3.80 14.84
N LEU B 141 -1.48 3.97 16.08
CA LEU B 141 -2.22 3.55 17.26
C LEU B 141 -3.63 4.13 17.26
N ILE B 142 -3.75 5.39 16.86
CA ILE B 142 -5.08 6.00 16.81
C ILE B 142 -5.85 5.44 15.63
N CYS B 143 -5.18 5.31 14.48
CA CYS B 143 -5.84 4.77 13.31
C CYS B 143 -6.41 3.39 13.60
N TYR B 144 -5.62 2.52 14.23
CA TYR B 144 -6.13 1.19 14.55
C TYR B 144 -7.39 1.31 15.38
N SER B 145 -7.35 2.15 16.39
CA SER B 145 -8.50 2.35 17.26
C SER B 145 -9.70 2.73 16.42
N PHE B 146 -9.49 3.68 15.51
CA PHE B 146 -10.54 4.17 14.63
C PHE B 146 -11.14 3.03 13.82
N GLN B 147 -10.29 2.27 13.14
CA GLN B 147 -10.74 1.15 12.33
C GLN B 147 -11.52 0.13 13.15
N VAL B 148 -10.96 -0.30 14.28
CA VAL B 148 -11.63 -1.29 15.11
C VAL B 148 -12.99 -0.80 15.56
N ALA B 149 -13.09 0.51 15.79
CA ALA B 149 -14.34 1.12 16.21
C ALA B 149 -15.37 1.12 15.05
N LYS B 150 -14.92 1.46 13.84
CA LYS B 150 -15.82 1.43 12.67
C LYS B 150 -16.38 0.03 12.50
N GLY B 151 -15.51 -0.96 12.62
CA GLY B 151 -15.95 -2.34 12.49
C GLY B 151 -16.94 -2.68 13.58
N MET B 152 -16.64 -2.29 14.81
CA MET B 152 -17.56 -2.58 15.90
C MET B 152 -18.92 -1.90 15.69
N GLU B 153 -18.89 -0.68 15.16
CA GLU B 153 -20.13 0.02 14.88
C GLU B 153 -20.87 -0.84 13.87
N PHE B 154 -20.14 -1.30 12.86
CA PHE B 154 -20.71 -2.14 11.83
C PHE B 154 -21.39 -3.32 12.48
N LEU B 155 -20.64 -4.09 13.25
CA LEU B 155 -21.21 -5.27 13.91
C LEU B 155 -22.47 -4.97 14.70
N ALA B 156 -22.43 -3.89 15.47
CA ALA B 156 -23.58 -3.50 16.28
C ALA B 156 -24.77 -3.24 15.38
N SER B 157 -24.56 -2.45 14.34
CA SER B 157 -25.64 -2.12 13.39
C SER B 157 -26.26 -3.36 12.77
N ARG B 158 -25.76 -4.53 13.14
CA ARG B 158 -26.34 -5.74 12.60
C ARG B 158 -26.78 -6.64 13.74
N LYS B 159 -27.18 -6.00 14.83
CA LYS B 159 -27.65 -6.70 16.01
C LYS B 159 -26.69 -7.84 16.35
N CYS B 160 -25.41 -7.50 16.42
CA CYS B 160 -24.39 -8.48 16.74
C CYS B 160 -23.53 -8.04 17.91
N ILE B 161 -23.11 -9.02 18.71
CA ILE B 161 -22.26 -8.78 19.87
C ILE B 161 -21.03 -9.68 19.72
N HIS B 162 -19.84 -9.10 19.77
CA HIS B 162 -18.61 -9.87 19.64
C HIS B 162 -18.38 -10.79 20.84
N ARG B 163 -18.55 -10.24 22.03
CA ARG B 163 -18.38 -10.95 23.30
C ARG B 163 -16.95 -11.25 23.77
N ASP B 164 -15.95 -10.95 22.95
CA ASP B 164 -14.55 -11.21 23.32
C ASP B 164 -13.62 -10.27 22.56
N LEU B 165 -14.00 -9.00 22.49
CA LEU B 165 -13.20 -7.99 21.82
C LEU B 165 -11.87 -7.81 22.54
N ALA B 166 -10.78 -8.07 21.84
CA ALA B 166 -9.47 -7.93 22.45
C ALA B 166 -8.40 -7.88 21.37
N ALA B 167 -7.23 -7.35 21.70
CA ALA B 167 -6.14 -7.23 20.75
C ALA B 167 -5.82 -8.54 20.06
N ARG B 168 -5.98 -9.66 20.77
CA ARG B 168 -5.70 -10.97 20.20
C ARG B 168 -6.74 -11.37 19.15
N ASN B 169 -7.86 -10.66 19.11
CA ASN B 169 -8.89 -10.94 18.12
C ASN B 169 -8.91 -9.86 17.06
N ILE B 170 -7.76 -9.20 16.91
CA ILE B 170 -7.61 -8.15 15.91
C ILE B 170 -6.45 -8.61 15.05
N LEU B 171 -6.70 -8.77 13.76
CA LEU B 171 -5.65 -9.19 12.84
C LEU B 171 -5.17 -7.99 12.04
N LEU B 172 -3.87 -7.95 11.75
CA LEU B 172 -3.30 -6.83 10.99
C LEU B 172 -2.92 -7.27 9.58
N SER B 173 -3.28 -6.48 8.58
CA SER B 173 -2.98 -6.81 7.19
C SER B 173 -2.02 -5.79 6.57
N GLU B 174 -1.95 -5.81 5.25
CA GLU B 174 -1.10 -4.86 4.53
C GLU B 174 -1.68 -3.46 4.72
N LYS B 175 -0.82 -2.46 4.52
CA LYS B 175 -1.22 -1.06 4.62
C LYS B 175 -2.03 -0.74 5.88
N ASN B 176 -1.47 -1.08 7.04
CA ASN B 176 -2.09 -0.85 8.33
C ASN B 176 -3.61 -0.99 8.44
N VAL B 177 -4.18 -1.99 7.80
CA VAL B 177 -5.62 -2.18 7.93
C VAL B 177 -5.84 -3.33 8.93
N VAL B 178 -6.60 -3.05 9.98
CA VAL B 178 -6.87 -4.05 11.02
C VAL B 178 -8.25 -4.63 10.84
N LYS B 179 -8.42 -5.87 11.26
CA LYS B 179 -9.70 -6.51 11.08
C LYS B 179 -10.14 -7.33 12.25
N ILE B 180 -11.36 -7.06 12.70
CA ILE B 180 -11.92 -7.78 13.82
C ILE B 180 -12.17 -9.22 13.39
N CYS B 181 -11.69 -10.15 14.20
CA CYS B 181 -11.90 -11.57 13.95
C CYS B 181 -12.27 -12.19 15.29
N ASP B 182 -12.33 -13.52 15.33
CA ASP B 182 -12.66 -14.25 16.55
C ASP B 182 -12.18 -15.71 16.41
N PHE B 183 -11.26 -16.11 17.27
CA PHE B 183 -10.73 -17.46 17.19
C PHE B 183 -11.58 -18.58 17.82
N GLY B 184 -12.09 -18.37 19.02
CA GLY B 184 -12.90 -19.39 19.66
C GLY B 184 -12.34 -19.78 21.01
N LEU B 203 -6.94 -14.70 31.86
CA LEU B 203 -8.33 -15.11 31.59
C LEU B 203 -9.09 -13.98 30.90
N PRO B 204 -10.15 -14.33 30.14
CA PRO B 204 -10.97 -13.34 29.42
C PRO B 204 -11.63 -12.33 30.35
N LEU B 205 -11.63 -12.64 31.64
CA LEU B 205 -12.21 -11.81 32.69
C LEU B 205 -11.65 -10.40 32.70
N LYS B 206 -10.37 -10.26 32.34
CA LYS B 206 -9.74 -8.94 32.31
C LYS B 206 -10.29 -8.05 31.20
N TRP B 207 -11.15 -8.60 30.35
CA TRP B 207 -11.75 -7.85 29.26
C TRP B 207 -13.24 -7.65 29.50
N MET B 208 -13.84 -8.56 30.26
CA MET B 208 -15.28 -8.51 30.57
C MET B 208 -15.70 -7.33 31.45
N ALA B 209 -16.91 -6.85 31.20
CA ALA B 209 -17.50 -5.74 31.94
C ALA B 209 -18.11 -6.29 33.22
N PRO B 210 -18.23 -5.44 34.25
CA PRO B 210 -18.79 -5.81 35.55
C PRO B 210 -20.08 -6.62 35.46
N GLU B 211 -21.04 -6.11 34.71
CA GLU B 211 -22.32 -6.79 34.56
C GLU B 211 -22.15 -8.15 33.94
N THR B 212 -21.25 -8.25 32.97
CA THR B 212 -21.03 -9.53 32.32
C THR B 212 -20.46 -10.56 33.27
N ILE B 213 -19.59 -10.11 34.16
CA ILE B 213 -18.97 -11.02 35.12
C ILE B 213 -19.95 -11.46 36.20
N PHE B 214 -20.62 -10.50 36.83
CA PHE B 214 -21.55 -10.80 37.90
C PHE B 214 -22.94 -11.24 37.45
N ASP B 215 -23.31 -10.96 36.20
CA ASP B 215 -24.63 -11.37 35.75
C ASP B 215 -24.64 -12.28 34.52
N ARG B 216 -23.51 -12.40 33.84
CA ARG B 216 -23.43 -13.24 32.64
C ARG B 216 -24.14 -12.56 31.47
N VAL B 217 -24.41 -11.27 31.64
CA VAL B 217 -25.12 -10.48 30.64
C VAL B 217 -24.24 -9.85 29.56
N TYR B 218 -24.32 -10.38 28.35
CA TYR B 218 -23.54 -9.82 27.24
C TYR B 218 -24.42 -8.88 26.45
N THR B 219 -24.00 -7.61 26.37
CA THR B 219 -24.74 -6.59 25.65
C THR B 219 -23.77 -5.84 24.75
N ILE B 220 -24.30 -4.99 23.88
CA ILE B 220 -23.45 -4.23 22.99
C ILE B 220 -22.62 -3.26 23.82
N GLN B 221 -23.12 -2.89 24.99
CA GLN B 221 -22.37 -1.99 25.84
C GLN B 221 -21.25 -2.71 26.56
N SER B 222 -21.43 -4.00 26.83
CA SER B 222 -20.38 -4.75 27.49
C SER B 222 -19.19 -4.78 26.55
N ASP B 223 -19.47 -4.75 25.24
CA ASP B 223 -18.41 -4.75 24.25
C ASP B 223 -17.64 -3.43 24.27
N VAL B 224 -18.33 -2.33 24.57
CA VAL B 224 -17.71 -1.00 24.63
C VAL B 224 -16.73 -0.94 25.80
N TRP B 225 -17.00 -1.75 26.81
CA TRP B 225 -16.12 -1.84 27.95
C TRP B 225 -14.86 -2.54 27.46
N SER B 226 -15.05 -3.60 26.68
CA SER B 226 -13.94 -4.37 26.15
C SER B 226 -13.14 -3.55 25.15
N PHE B 227 -13.82 -2.70 24.38
CA PHE B 227 -13.13 -1.86 23.43
C PHE B 227 -12.29 -0.91 24.27
N GLY B 228 -12.67 -0.78 25.54
CA GLY B 228 -11.93 0.08 26.43
C GLY B 228 -10.61 -0.57 26.75
N VAL B 229 -10.67 -1.87 27.06
CA VAL B 229 -9.50 -2.66 27.39
C VAL B 229 -8.61 -2.81 26.14
N LEU B 230 -9.24 -2.90 24.98
CA LEU B 230 -8.50 -3.01 23.72
C LEU B 230 -7.63 -1.80 23.51
N LEU B 231 -8.22 -0.61 23.70
CA LEU B 231 -7.47 0.63 23.54
C LEU B 231 -6.26 0.63 24.48
N TRP B 232 -6.45 0.21 25.74
CA TRP B 232 -5.34 0.20 26.68
C TRP B 232 -4.21 -0.67 26.16
N GLU B 233 -4.57 -1.84 25.62
CA GLU B 233 -3.59 -2.76 25.05
C GLU B 233 -2.85 -2.04 23.92
N ILE B 234 -3.60 -1.43 23.01
CA ILE B 234 -3.00 -0.70 21.89
C ILE B 234 -1.99 0.36 22.33
N PHE B 235 -2.39 1.18 23.30
CA PHE B 235 -1.53 2.24 23.79
C PHE B 235 -0.56 1.86 24.90
N SER B 236 -0.35 0.56 25.04
CA SER B 236 0.62 0.03 25.98
C SER B 236 1.49 -0.81 25.05
N LEU B 237 1.17 -0.71 23.76
CA LEU B 237 1.87 -1.45 22.72
C LEU B 237 1.94 -2.93 23.07
N GLY B 238 0.78 -3.55 23.24
CA GLY B 238 0.70 -4.97 23.52
C GLY B 238 0.93 -5.46 24.93
N ALA B 239 0.78 -4.61 25.93
CA ALA B 239 0.97 -5.07 27.30
C ALA B 239 -0.25 -5.89 27.71
N SER B 240 -0.15 -6.54 28.86
CA SER B 240 -1.26 -7.35 29.38
C SER B 240 -2.04 -6.55 30.43
N PRO B 241 -3.34 -6.33 30.19
CA PRO B 241 -4.19 -5.57 31.13
C PRO B 241 -4.05 -5.97 32.59
N TYR B 242 -4.26 -5.00 33.47
CA TYR B 242 -4.16 -5.19 34.92
C TYR B 242 -2.86 -5.86 35.33
N PRO B 243 -1.72 -5.27 34.96
CA PRO B 243 -0.45 -5.91 35.33
C PRO B 243 -0.31 -6.23 36.81
N GLY B 244 0.22 -7.43 37.06
CA GLY B 244 0.45 -7.87 38.42
C GLY B 244 -0.76 -8.30 39.20
N VAL B 245 -1.90 -7.69 38.90
CA VAL B 245 -3.14 -8.04 39.61
C VAL B 245 -3.45 -9.51 39.40
N LYS B 246 -3.87 -10.17 40.47
CA LYS B 246 -4.23 -11.58 40.32
C LYS B 246 -5.71 -11.53 40.04
N ILE B 247 -6.18 -12.36 39.12
CA ILE B 247 -7.58 -12.36 38.80
C ILE B 247 -8.37 -13.16 39.84
N ASP B 248 -8.79 -12.46 40.88
CA ASP B 248 -9.56 -13.06 41.97
C ASP B 248 -10.75 -12.20 42.40
N GLU B 249 -11.30 -12.51 43.56
CA GLU B 249 -12.46 -11.81 44.10
C GLU B 249 -12.37 -10.30 44.30
N GLU B 250 -11.40 -9.82 45.06
CA GLU B 250 -11.28 -8.38 45.30
C GLU B 250 -11.12 -7.63 44.00
N PHE B 251 -10.67 -8.32 42.96
CA PHE B 251 -10.52 -7.70 41.66
C PHE B 251 -11.93 -7.30 41.24
N CYS B 252 -12.85 -8.24 41.39
CA CYS B 252 -14.25 -8.04 41.04
C CYS B 252 -14.88 -6.91 41.86
N ARG B 253 -14.53 -6.83 43.14
CA ARG B 253 -15.07 -5.80 44.01
C ARG B 253 -14.59 -4.43 43.58
N ARG B 254 -13.27 -4.22 43.64
CA ARG B 254 -12.66 -2.95 43.26
C ARG B 254 -13.14 -2.45 41.91
N LEU B 255 -13.33 -3.38 40.98
CA LEU B 255 -13.81 -3.05 39.64
C LEU B 255 -15.20 -2.44 39.82
N LYS B 256 -16.01 -3.08 40.65
CA LYS B 256 -17.37 -2.62 40.92
C LYS B 256 -17.27 -1.49 41.95
N GLU B 257 -16.09 -1.33 42.51
CA GLU B 257 -15.85 -0.29 43.50
C GLU B 257 -15.46 0.96 42.73
N GLY B 258 -15.17 0.79 41.44
CA GLY B 258 -14.81 1.94 40.63
C GLY B 258 -13.36 2.10 40.20
N THR B 259 -12.43 1.31 40.74
CA THR B 259 -11.03 1.46 40.33
C THR B 259 -10.80 0.98 38.91
N ARG B 260 -9.89 1.66 38.21
CA ARG B 260 -9.54 1.38 36.84
C ARG B 260 -8.04 1.25 36.66
N MET B 261 -7.58 1.00 35.43
CA MET B 261 -6.15 0.89 35.15
C MET B 261 -5.55 2.26 34.92
N ARG B 262 -4.33 2.47 35.39
CA ARG B 262 -3.67 3.76 35.20
C ARG B 262 -3.43 3.86 33.71
N ALA B 263 -3.19 5.06 33.21
CA ALA B 263 -2.96 5.23 31.77
C ALA B 263 -1.72 4.45 31.35
N PRO B 264 -1.71 3.91 30.12
CA PRO B 264 -0.62 3.14 29.53
C PRO B 264 0.49 4.08 29.05
N ASP B 265 1.69 3.53 28.89
CA ASP B 265 2.85 4.29 28.48
C ASP B 265 2.80 5.15 27.20
N TYR B 266 2.08 4.69 26.19
CA TYR B 266 2.02 5.47 24.97
C TYR B 266 0.68 6.15 24.72
N THR B 267 -0.14 6.30 25.75
CA THR B 267 -1.44 6.93 25.57
C THR B 267 -1.33 8.46 25.54
N THR B 268 -2.41 9.12 25.17
CA THR B 268 -2.45 10.57 25.14
C THR B 268 -3.53 10.93 26.13
N PRO B 269 -3.65 12.20 26.49
CA PRO B 269 -4.67 12.64 27.45
C PRO B 269 -6.08 12.25 27.00
N GLU B 270 -6.45 12.70 25.80
CA GLU B 270 -7.77 12.42 25.23
C GLU B 270 -8.09 10.94 25.15
N MET B 271 -7.09 10.15 24.74
CA MET B 271 -7.26 8.71 24.58
C MET B 271 -7.60 8.01 25.89
N TYR B 272 -6.78 8.19 26.92
CA TYR B 272 -7.01 7.56 28.21
C TYR B 272 -8.38 7.94 28.75
N GLN B 273 -8.82 9.17 28.48
CA GLN B 273 -10.12 9.58 28.98
C GLN B 273 -11.17 8.70 28.34
N THR B 274 -10.99 8.40 27.05
CA THR B 274 -11.92 7.56 26.32
C THR B 274 -12.02 6.18 26.96
N MET B 275 -10.88 5.68 27.44
CA MET B 275 -10.83 4.38 28.08
C MET B 275 -11.68 4.40 29.35
N LEU B 276 -11.56 5.47 30.15
CA LEU B 276 -12.33 5.62 31.37
C LEU B 276 -13.80 5.66 30.96
N ASP B 277 -14.10 6.48 29.95
CA ASP B 277 -15.46 6.60 29.44
C ASP B 277 -16.02 5.22 29.11
N CYS B 278 -15.22 4.41 28.41
CA CYS B 278 -15.63 3.07 28.04
C CYS B 278 -15.87 2.20 29.27
N TRP B 279 -15.07 2.41 30.31
CA TRP B 279 -15.19 1.59 31.51
C TRP B 279 -16.16 2.13 32.55
N HIS B 280 -17.13 2.93 32.11
CA HIS B 280 -18.13 3.50 32.99
C HIS B 280 -18.97 2.39 33.63
N GLY B 281 -19.22 2.52 34.94
CA GLY B 281 -20.00 1.52 35.66
C GLY B 281 -21.36 1.21 35.06
N GLU B 282 -22.07 2.25 34.66
CA GLU B 282 -23.38 2.08 34.07
C GLU B 282 -23.20 1.85 32.59
N PRO B 283 -23.62 0.68 32.10
CA PRO B 283 -23.50 0.35 30.68
C PRO B 283 -24.10 1.47 29.86
N SER B 284 -25.27 1.92 30.28
CA SER B 284 -25.98 2.98 29.59
C SER B 284 -25.19 4.27 29.56
N GLN B 285 -24.17 4.38 30.40
CA GLN B 285 -23.37 5.61 30.45
C GLN B 285 -22.11 5.56 29.61
N ARG B 286 -21.80 4.40 29.05
CA ARG B 286 -20.61 4.28 28.22
C ARG B 286 -20.96 4.79 26.83
N PRO B 287 -19.99 5.38 26.13
CA PRO B 287 -20.35 5.88 24.80
C PRO B 287 -20.76 4.71 23.87
N THR B 288 -21.25 5.04 22.69
CA THR B 288 -21.65 4.03 21.71
C THR B 288 -20.56 3.99 20.66
N PHE B 289 -20.48 2.88 19.95
CA PHE B 289 -19.44 2.78 18.94
C PHE B 289 -19.57 3.91 17.94
N SER B 290 -20.80 4.32 17.67
CA SER B 290 -21.04 5.40 16.72
C SER B 290 -20.41 6.68 17.23
N GLU B 291 -20.54 6.94 18.54
CA GLU B 291 -19.95 8.12 19.14
C GLU B 291 -18.43 7.93 19.16
N LEU B 292 -17.99 6.70 19.43
CA LEU B 292 -16.57 6.38 19.46
C LEU B 292 -15.97 6.61 18.08
N VAL B 293 -16.65 6.12 17.05
CA VAL B 293 -16.16 6.30 15.68
C VAL B 293 -15.97 7.77 15.35
N GLU B 294 -16.89 8.60 15.81
CA GLU B 294 -16.82 10.03 15.55
C GLU B 294 -15.64 10.61 16.34
N HIS B 295 -15.69 10.44 17.66
CA HIS B 295 -14.65 10.94 18.53
C HIS B 295 -13.25 10.59 18.01
N LEU B 296 -12.99 9.30 17.85
CA LEU B 296 -11.69 8.86 17.37
C LEU B 296 -11.31 9.49 16.04
N GLY B 297 -12.28 9.56 15.13
CA GLY B 297 -12.02 10.17 13.85
C GLY B 297 -11.43 11.56 14.09
N ASN B 298 -11.99 12.27 15.05
CA ASN B 298 -11.54 13.60 15.41
C ASN B 298 -10.13 13.58 15.98
N LEU B 299 -9.92 12.76 17.00
CA LEU B 299 -8.61 12.65 17.60
C LEU B 299 -7.57 12.31 16.54
N LEU B 300 -8.02 11.60 15.51
CA LEU B 300 -7.14 11.20 14.42
C LEU B 300 -6.84 12.39 13.51
N GLN B 301 -7.84 13.25 13.31
CA GLN B 301 -7.71 14.44 12.46
C GLN B 301 -6.62 15.42 12.91
N ALA B 302 -5.86 15.03 13.94
CA ALA B 302 -4.79 15.88 14.45
C ALA B 302 -3.47 15.55 13.74
#